data_2YGP
#
_entry.id   2YGP
#
_cell.length_a   50.760
_cell.length_b   134.241
_cell.length_c   60.193
_cell.angle_alpha   90.00
_cell.angle_beta   90.00
_cell.angle_gamma   90.00
#
_symmetry.space_group_name_H-M   'C 2 2 2'
#
loop_
_entity.id
_entity.type
_entity.pdbx_description
1 polymer 'WNT INHIBITORY FACTOR 1'
2 non-polymer 1,2-DIACYL-SN-GLYCERO-3-PHOSHOCHOLINE
3 non-polymer 2-acetamido-2-deoxy-beta-D-glucopyranose
4 non-polymer 'CALCIUM ION'
5 non-polymer SPERMIDINE
6 water water
#
_entity_poly.entity_id   1
_entity_poly.type   'polypeptide(L)'
_entity_poly.pdbx_seq_one_letter_code
;ETGSLYLWIDAHQARVLIGFEEDILIVSEG(MLY)MAPFTHDFR(MLY)AQQRWPAIPVNIHSMNFTWQAAGQAEYFYEF
LSLRSLD(MLY)GIMADPTVNVPLLGTVPH(MLY)ASVVQVGFPCLG(MLY)QDGVAAFEVDVIVMNSEGNTIL(MLY)T
PQNAIFFKTCQQAECPGGCRNGGFCNERRICECPDGFHGPHCEGTKHHHHHH
;
_entity_poly.pdbx_strand_id   A
#
# COMPACT_ATOMS: atom_id res chain seq x y z
N THR A 2 25.58 7.82 11.75
CA THR A 2 25.34 9.25 11.56
C THR A 2 23.86 9.55 11.30
N GLY A 3 23.26 8.81 10.34
CA GLY A 3 21.87 8.93 9.91
C GLY A 3 20.81 8.69 10.99
N SER A 4 19.61 9.26 10.78
CA SER A 4 18.49 9.19 11.75
C SER A 4 17.18 8.60 11.21
N LEU A 5 17.13 8.34 9.90
CA LEU A 5 15.97 7.81 9.21
C LEU A 5 15.68 6.34 9.45
N TYR A 6 14.42 6.06 9.78
CA TYR A 6 13.97 4.70 9.97
C TYR A 6 12.71 4.48 9.22
N LEU A 7 12.60 3.30 8.60
CA LEU A 7 11.42 2.80 7.90
C LEU A 7 11.33 1.32 8.22
N TRP A 8 10.13 0.88 8.64
CA TRP A 8 9.96 -0.52 8.99
C TRP A 8 8.50 -0.90 8.95
N ILE A 9 8.25 -2.23 8.98
CA ILE A 9 6.92 -2.82 9.10
C ILE A 9 6.82 -3.34 10.52
N ASP A 10 5.83 -2.84 11.30
CA ASP A 10 5.61 -3.26 12.68
C ASP A 10 5.33 -4.78 12.78
N ALA A 11 5.68 -5.37 13.93
CA ALA A 11 5.53 -6.80 14.28
C ALA A 11 4.15 -7.34 13.99
N HIS A 12 3.10 -6.56 14.34
CA HIS A 12 1.71 -6.92 14.12
C HIS A 12 1.34 -6.98 12.63
N GLN A 13 1.69 -5.94 11.85
CA GLN A 13 1.47 -5.90 10.41
C GLN A 13 2.27 -7.03 9.71
N ALA A 14 3.53 -7.27 10.16
CA ALA A 14 4.36 -8.35 9.60
C ALA A 14 3.75 -9.74 9.83
N ARG A 15 3.08 -9.94 10.97
CA ARG A 15 2.41 -11.20 11.30
C ARG A 15 1.22 -11.49 10.36
N VAL A 16 0.34 -10.49 10.11
CA VAL A 16 -0.80 -10.70 9.19
C VAL A 16 -0.34 -10.89 7.73
N LEU A 17 0.80 -10.29 7.37
CA LEU A 17 1.38 -10.35 6.03
C LEU A 17 2.13 -11.65 5.71
N ILE A 18 3.14 -12.01 6.49
CA ILE A 18 3.99 -13.19 6.24
C ILE A 18 3.97 -14.29 7.28
N GLY A 19 3.34 -14.05 8.42
CA GLY A 19 3.24 -15.03 9.49
C GLY A 19 4.20 -14.91 10.66
N PHE A 20 5.22 -14.05 10.56
CA PHE A 20 6.19 -13.87 11.63
C PHE A 20 6.08 -12.52 12.31
N GLU A 21 5.72 -12.55 13.61
CA GLU A 21 5.52 -11.38 14.45
C GLU A 21 6.84 -10.76 14.94
N GLU A 22 7.60 -10.22 13.99
CA GLU A 22 8.87 -9.53 14.17
C GLU A 22 8.87 -8.29 13.27
N ASP A 23 9.50 -7.21 13.73
CA ASP A 23 9.61 -5.97 12.93
C ASP A 23 10.47 -6.31 11.72
N ILE A 24 10.06 -5.85 10.53
CA ILE A 24 10.81 -5.99 9.28
C ILE A 24 11.44 -4.62 9.07
N LEU A 25 12.76 -4.54 9.18
CA LEU A 25 13.50 -3.29 9.02
C LEU A 25 13.80 -3.12 7.56
N ILE A 26 13.50 -1.93 7.05
CA ILE A 26 13.70 -1.61 5.64
C ILE A 26 14.84 -0.60 5.56
N VAL A 27 14.77 0.45 6.39
CA VAL A 27 15.79 1.50 6.50
C VAL A 27 16.07 1.68 7.99
N SER A 28 17.34 1.67 8.37
CA SER A 28 17.78 1.87 9.74
C SER A 28 18.90 2.86 9.68
N GLU A 29 18.81 3.94 10.49
CA GLU A 29 19.79 5.03 10.59
C GLU A 29 20.16 5.58 9.19
N GLY A 30 19.13 5.77 8.35
CA GLY A 30 19.24 6.29 6.99
C GLY A 30 19.93 5.39 5.98
N MET A 32 19.57 1.64 3.83
CA MET A 32 18.74 0.51 3.33
C MET A 32 19.20 -0.78 4.00
N ALA A 33 18.26 -1.66 4.36
CA ALA A 33 18.59 -2.94 4.99
C ALA A 33 19.39 -3.85 4.01
N PRO A 34 20.29 -4.73 4.54
CA PRO A 34 21.08 -5.59 3.63
C PRO A 34 20.27 -6.37 2.61
N PHE A 35 19.10 -6.94 3.00
CA PHE A 35 18.24 -7.72 2.08
C PHE A 35 17.77 -6.98 0.82
N THR A 36 17.69 -5.64 0.90
CA THR A 36 17.29 -4.78 -0.22
C THR A 36 18.45 -4.44 -1.17
N HIS A 37 19.71 -4.82 -0.83
CA HIS A 37 20.91 -4.55 -1.66
C HIS A 37 20.78 -5.20 -3.02
N ASP A 38 20.52 -6.53 -3.05
CA ASP A 38 20.28 -7.30 -4.28
C ASP A 38 18.76 -7.38 -4.37
N PHE A 39 18.16 -6.29 -4.87
CA PHE A 39 16.72 -6.14 -4.97
C PHE A 39 16.01 -7.26 -5.73
N ARG A 40 16.60 -7.75 -6.84
CA ARG A 40 16.00 -8.79 -7.67
C ARG A 40 15.94 -10.13 -6.98
N ALA A 42 15.87 -10.50 -3.63
CA ALA A 42 14.93 -10.19 -2.54
C ALA A 42 13.48 -10.24 -2.97
N GLN A 43 13.16 -9.59 -4.11
CA GLN A 43 11.84 -9.48 -4.73
C GLN A 43 11.27 -10.84 -5.15
N GLN A 44 12.16 -11.77 -5.59
CA GLN A 44 11.74 -13.09 -6.04
C GLN A 44 11.28 -14.00 -4.91
N ARG A 45 11.55 -13.59 -3.66
CA ARG A 45 11.08 -14.25 -2.45
C ARG A 45 9.75 -13.62 -1.96
N TRP A 46 9.22 -12.56 -2.65
CA TRP A 46 8.01 -11.88 -2.21
C TRP A 46 6.80 -12.37 -3.00
N PRO A 47 5.79 -12.96 -2.33
CA PRO A 47 4.59 -13.37 -3.09
C PRO A 47 3.68 -12.15 -3.28
N ALA A 48 2.76 -12.23 -4.24
CA ALA A 48 1.79 -11.18 -4.47
C ALA A 48 1.03 -10.96 -3.16
N ILE A 49 0.69 -9.70 -2.83
CA ILE A 49 -0.08 -9.41 -1.60
C ILE A 49 -1.43 -10.21 -1.63
N PRO A 50 -1.83 -10.95 -0.55
CA PRO A 50 -3.06 -11.77 -0.63
C PRO A 50 -4.35 -10.97 -0.70
N VAL A 51 -5.42 -11.63 -1.21
CA VAL A 51 -6.75 -11.05 -1.35
C VAL A 51 -7.32 -10.48 -0.02
N ASN A 52 -7.01 -11.11 1.13
CA ASN A 52 -7.49 -10.71 2.46
C ASN A 52 -6.80 -9.43 2.99
N ILE A 53 -5.71 -9.00 2.32
CA ILE A 53 -4.97 -7.77 2.69
C ILE A 53 -5.36 -6.63 1.73
N HIS A 54 -6.09 -5.65 2.22
CA HIS A 54 -6.56 -4.50 1.46
C HIS A 54 -5.61 -3.30 1.58
N SER A 55 -4.72 -3.31 2.58
CA SER A 55 -3.76 -2.22 2.83
C SER A 55 -2.64 -2.69 3.74
N MET A 56 -1.51 -1.99 3.69
CA MET A 56 -0.33 -2.31 4.49
C MET A 56 0.17 -1.07 5.23
N ASN A 57 0.54 -1.24 6.51
CA ASN A 57 1.06 -0.17 7.34
C ASN A 57 2.58 -0.17 7.35
N PHE A 58 3.19 1.00 7.08
CA PHE A 58 4.65 1.17 7.20
C PHE A 58 4.83 2.20 8.31
N THR A 59 5.89 2.08 9.08
CA THR A 59 6.18 3.05 10.14
C THR A 59 7.46 3.77 9.76
N TRP A 60 7.46 5.08 9.87
CA TRP A 60 8.68 5.82 9.61
C TRP A 60 8.90 6.91 10.62
N GLN A 61 10.16 7.33 10.73
CA GLN A 61 10.60 8.44 11.55
C GLN A 61 11.95 8.99 11.18
N ALA A 62 12.09 10.30 11.36
CA ALA A 62 13.34 11.02 11.20
C ALA A 62 13.59 11.43 12.66
N ALA A 63 14.16 10.47 13.37
CA ALA A 63 14.44 10.41 14.80
C ALA A 63 15.43 11.43 15.38
N GLY A 64 15.97 12.34 14.56
CA GLY A 64 16.93 13.35 15.00
C GLY A 64 16.44 14.79 14.92
N GLN A 65 17.38 15.76 14.76
CA GLN A 65 17.07 17.20 14.61
C GLN A 65 17.02 17.62 13.12
N ALA A 66 17.69 16.84 12.25
CA ALA A 66 17.69 17.10 10.81
C ALA A 66 16.30 16.82 10.22
N GLU A 67 15.89 17.65 9.25
CA GLU A 67 14.61 17.55 8.54
C GLU A 67 14.80 16.72 7.28
N TYR A 68 13.83 15.90 6.97
CA TYR A 68 13.83 15.07 5.76
C TYR A 68 12.52 15.22 5.09
N PHE A 69 12.53 15.15 3.77
CA PHE A 69 11.32 15.32 2.94
C PHE A 69 11.07 14.15 2.06
N TYR A 70 9.86 13.64 2.09
CA TYR A 70 9.54 12.50 1.27
C TYR A 70 8.67 12.96 0.11
N GLU A 71 8.72 12.24 -0.99
CA GLU A 71 7.87 12.53 -2.11
C GLU A 71 7.47 11.28 -2.85
N PHE A 72 6.14 11.04 -2.95
CA PHE A 72 5.62 9.93 -3.75
C PHE A 72 5.56 10.38 -5.23
N LEU A 73 6.52 9.90 -6.03
CA LEU A 73 6.64 10.22 -7.48
C LEU A 73 5.68 9.43 -8.34
N SER A 74 5.44 8.16 -7.98
CA SER A 74 4.52 7.31 -8.72
C SER A 74 3.77 6.36 -7.80
N LEU A 75 2.44 6.37 -7.94
CA LEU A 75 1.48 5.49 -7.26
C LEU A 75 0.62 5.02 -8.40
N ARG A 76 1.07 3.94 -9.06
CA ARG A 76 0.47 3.48 -10.30
C ARG A 76 0.21 2.01 -10.38
N SER A 77 -1.01 1.66 -10.81
CA SER A 77 -1.41 0.31 -11.09
C SER A 77 -1.13 0.06 -12.55
N LEU A 78 -0.44 -1.06 -12.87
CA LEU A 78 -0.15 -1.44 -14.24
C LEU A 78 -1.28 -2.33 -14.83
N ASP A 79 -2.28 -2.68 -14.01
CA ASP A 79 -3.44 -3.48 -14.39
C ASP A 79 -4.69 -2.80 -13.85
N GLY A 81 -7.72 -2.54 -14.77
CA GLY A 81 -8.98 -3.29 -14.77
C GLY A 81 -9.06 -4.27 -13.62
N ILE A 82 -7.92 -4.54 -12.97
CA ILE A 82 -7.82 -5.45 -11.81
C ILE A 82 -7.85 -4.62 -10.52
N MET A 83 -6.95 -3.63 -10.42
CA MET A 83 -6.76 -2.79 -9.25
C MET A 83 -6.54 -1.40 -9.72
N ALA A 84 -7.11 -0.42 -9.00
CA ALA A 84 -6.89 0.99 -9.26
C ALA A 84 -5.53 1.34 -8.66
N ASP A 85 -5.07 2.57 -8.90
CA ASP A 85 -3.79 3.08 -8.42
C ASP A 85 -3.64 2.89 -6.92
N PRO A 86 -2.45 2.42 -6.42
CA PRO A 86 -2.28 2.31 -4.97
C PRO A 86 -2.41 3.71 -4.35
N THR A 87 -2.85 3.77 -3.12
CA THR A 87 -3.07 5.05 -2.43
C THR A 87 -2.22 5.14 -1.20
N VAL A 88 -2.01 6.36 -0.69
CA VAL A 88 -1.35 6.63 0.58
C VAL A 88 -2.25 7.55 1.40
N ASN A 89 -2.27 7.39 2.72
CA ASN A 89 -3.14 8.23 3.56
C ASN A 89 -2.40 9.50 4.06
N VAL A 90 -1.37 9.90 3.32
CA VAL A 90 -0.54 11.06 3.62
C VAL A 90 -0.48 11.99 2.39
N PRO A 91 -0.17 13.30 2.56
CA PRO A 91 0.09 14.16 1.38
C PRO A 91 1.24 13.57 0.55
N LEU A 92 1.23 13.73 -0.78
CA LEU A 92 2.28 13.20 -1.68
C LEU A 92 3.69 13.78 -1.44
N LEU A 93 3.76 15.01 -0.94
CA LEU A 93 5.02 15.65 -0.58
C LEU A 93 4.85 16.10 0.87
N GLY A 94 5.79 15.75 1.73
CA GLY A 94 5.72 16.14 3.13
C GLY A 94 7.03 15.99 3.83
N THR A 95 7.04 16.28 5.16
CA THR A 95 8.23 16.04 5.96
C THR A 95 8.11 14.62 6.59
N VAL A 96 9.22 13.94 6.79
CA VAL A 96 9.23 12.65 7.48
C VAL A 96 9.07 13.06 8.96
N PRO A 97 8.05 12.53 9.69
CA PRO A 97 7.84 12.99 11.07
C PRO A 97 8.94 12.61 12.05
N HIS A 98 9.19 13.48 13.03
CA HIS A 98 10.16 13.19 14.10
C HIS A 98 9.59 12.09 15.04
N ALA A 100 7.57 8.62 15.40
CA ALA A 100 7.23 7.46 14.57
C ALA A 100 5.76 7.47 14.24
N SER A 101 5.43 7.38 12.96
CA SER A 101 4.07 7.49 12.47
C SER A 101 3.78 6.46 11.40
N VAL A 102 2.51 6.10 11.26
CA VAL A 102 2.06 5.08 10.32
C VAL A 102 1.59 5.71 9.00
N VAL A 103 2.08 5.13 7.89
CA VAL A 103 1.70 5.42 6.52
C VAL A 103 1.00 4.17 6.02
N GLN A 104 -0.28 4.31 5.63
CA GLN A 104 -1.06 3.20 5.10
C GLN A 104 -1.09 3.26 3.58
N VAL A 105 -0.55 2.21 2.94
CA VAL A 105 -0.57 2.03 1.48
C VAL A 105 -1.82 1.16 1.21
N GLY A 106 -2.75 1.69 0.43
CA GLY A 106 -3.99 1.03 0.05
C GLY A 106 -3.87 0.35 -1.29
N PHE A 107 -4.47 -0.86 -1.43
CA PHE A 107 -4.43 -1.67 -2.68
C PHE A 107 -5.87 -1.87 -3.20
N PRO A 108 -6.46 -0.89 -3.93
CA PRO A 108 -7.88 -0.99 -4.28
C PRO A 108 -8.32 -1.90 -5.43
N CYS A 109 -8.45 -3.19 -5.13
CA CYS A 109 -8.96 -4.21 -6.07
C CYS A 109 -10.36 -3.77 -6.44
N LEU A 110 -10.63 -3.70 -7.74
CA LEU A 110 -11.91 -3.21 -8.25
C LEU A 110 -13.11 -4.14 -8.00
N GLY A 111 -12.85 -5.44 -7.85
CA GLY A 111 -13.89 -6.44 -7.62
C GLY A 111 -14.57 -6.94 -8.88
N GLN A 113 -12.62 -8.26 -11.52
CA GLN A 113 -11.77 -9.35 -12.02
CA GLN A 113 -11.77 -9.35 -12.01
C GLN A 113 -10.94 -10.05 -10.94
N ASP A 114 -10.69 -11.36 -11.16
CA ASP A 114 -9.81 -12.16 -10.31
C ASP A 114 -8.47 -12.03 -11.04
N GLY A 115 -7.38 -11.93 -10.31
CA GLY A 115 -6.08 -11.81 -10.93
C GLY A 115 -5.06 -11.06 -10.13
N VAL A 116 -3.83 -11.07 -10.64
CA VAL A 116 -2.71 -10.40 -10.01
C VAL A 116 -2.46 -9.04 -10.67
N ALA A 117 -2.54 -7.95 -9.89
CA ALA A 117 -2.25 -6.63 -10.45
C ALA A 117 -0.82 -6.20 -10.12
N ALA A 118 -0.07 -5.75 -11.15
CA ALA A 118 1.29 -5.22 -10.99
C ALA A 118 1.13 -3.72 -10.66
N PHE A 119 2.00 -3.20 -9.78
CA PHE A 119 1.92 -1.80 -9.42
C PHE A 119 3.26 -1.24 -8.95
N GLU A 120 3.34 0.10 -8.93
CA GLU A 120 4.49 0.86 -8.53
C GLU A 120 4.18 1.76 -7.36
N VAL A 121 5.15 1.88 -6.46
CA VAL A 121 5.16 2.81 -5.32
C VAL A 121 6.58 3.43 -5.35
N ASP A 122 6.77 4.50 -6.15
CA ASP A 122 8.05 5.19 -6.24
C ASP A 122 8.05 6.37 -5.29
N VAL A 123 8.88 6.28 -4.27
CA VAL A 123 9.02 7.31 -3.25
C VAL A 123 10.51 7.66 -3.10
N ILE A 124 10.80 8.95 -2.91
CA ILE A 124 12.14 9.44 -2.66
C ILE A 124 12.18 10.10 -1.29
N VAL A 125 13.34 10.15 -0.66
CA VAL A 125 13.55 10.91 0.57
C VAL A 125 14.69 11.85 0.24
N MET A 126 14.48 13.15 0.52
CA MET A 126 15.45 14.21 0.31
C MET A 126 15.87 14.84 1.64
N ASN A 127 17.12 15.29 1.70
CA ASN A 127 17.60 16.00 2.86
C ASN A 127 17.30 17.52 2.62
N SER A 128 17.61 18.37 3.58
CA SER A 128 17.39 19.83 3.57
C SER A 128 18.23 20.59 2.51
N GLU A 129 19.15 19.90 1.79
CA GLU A 129 19.96 20.42 0.67
C GLU A 129 19.28 20.10 -0.65
N GLY A 130 18.17 19.35 -0.62
CA GLY A 130 17.40 18.97 -1.80
C GLY A 130 17.89 17.72 -2.49
N ASN A 131 18.94 17.07 -1.94
CA ASN A 131 19.52 15.84 -2.51
C ASN A 131 18.74 14.58 -2.14
N THR A 132 18.53 13.68 -3.12
CA THR A 132 17.84 12.41 -2.87
C THR A 132 18.85 11.47 -2.22
N ILE A 133 18.53 11.00 -1.01
CA ILE A 133 19.42 10.14 -0.23
C ILE A 133 18.86 8.70 -0.15
N LEU A 134 17.54 8.54 -0.33
CA LEU A 134 16.87 7.24 -0.34
C LEU A 134 15.78 7.25 -1.38
N THR A 136 12.84 4.26 -3.67
CA THR A 136 12.43 2.92 -4.08
C THR A 136 13.50 2.43 -5.11
N PRO A 137 13.99 1.17 -5.02
CA PRO A 137 14.95 0.68 -6.04
C PRO A 137 14.37 0.91 -7.45
N GLN A 138 15.19 1.41 -8.38
CA GLN A 138 14.75 1.73 -9.75
C GLN A 138 14.03 0.55 -10.42
N ASN A 139 12.89 0.85 -11.08
CA ASN A 139 12.05 -0.09 -11.81
C ASN A 139 11.38 -1.16 -10.96
N ALA A 140 11.26 -0.94 -9.64
CA ALA A 140 10.60 -1.88 -8.75
C ALA A 140 9.08 -2.05 -9.11
N ILE A 141 8.66 -3.31 -9.13
CA ILE A 141 7.30 -3.78 -9.41
C ILE A 141 6.83 -4.59 -8.20
N PHE A 142 5.60 -4.28 -7.73
CA PHE A 142 4.96 -4.97 -6.62
C PHE A 142 3.69 -5.63 -7.15
N PHE A 143 3.20 -6.66 -6.48
CA PHE A 143 2.02 -7.39 -6.96
C PHE A 143 0.97 -7.57 -5.90
N LYS A 144 -0.29 -7.49 -6.30
CA LYS A 144 -1.43 -7.64 -5.41
C LYS A 144 -2.43 -8.64 -6.01
N THR A 145 -2.88 -9.61 -5.20
CA THR A 145 -3.87 -10.56 -5.70
C THR A 145 -5.25 -9.96 -5.48
N CYS A 146 -6.05 -9.91 -6.54
CA CYS A 146 -7.41 -9.41 -6.48
C CYS A 146 -8.39 -10.52 -6.80
N GLN A 147 -9.60 -10.42 -6.25
CA GLN A 147 -10.65 -11.40 -6.44
C GLN A 147 -11.90 -10.69 -6.99
N GLN A 148 -12.70 -11.41 -7.76
CA GLN A 148 -13.96 -10.87 -8.26
C GLN A 148 -14.97 -10.90 -7.09
N ALA A 149 -15.65 -9.77 -6.86
CA ALA A 149 -16.60 -9.62 -5.75
C ALA A 149 -17.85 -10.49 -5.92
N GLU A 150 -18.27 -11.14 -4.83
CA GLU A 150 -19.43 -12.01 -4.79
C GLU A 150 -20.26 -11.73 -3.52
N CYS A 151 -21.14 -10.70 -3.61
CA CYS A 151 -22.02 -10.26 -2.51
C CYS A 151 -23.07 -11.31 -2.15
N PRO A 152 -23.43 -11.47 -0.86
CA PRO A 152 -24.46 -12.46 -0.50
C PRO A 152 -25.84 -12.07 -1.04
N GLY A 153 -26.33 -12.85 -1.99
CA GLY A 153 -27.61 -12.62 -2.66
C GLY A 153 -27.50 -11.86 -3.98
N GLY A 154 -26.50 -10.97 -4.08
CA GLY A 154 -26.25 -10.14 -5.26
C GLY A 154 -26.83 -8.74 -5.12
N CYS A 155 -26.27 -7.78 -5.88
CA CYS A 155 -26.71 -6.38 -5.86
C CYS A 155 -27.72 -6.07 -6.97
N ARG A 156 -28.96 -5.76 -6.58
CA ARG A 156 -30.06 -5.45 -7.49
C ARG A 156 -30.06 -3.96 -7.88
N ASN A 157 -31.04 -3.52 -8.71
CA ASN A 157 -31.20 -2.14 -9.20
C ASN A 157 -29.95 -1.60 -9.94
N GLY A 158 -29.26 -2.48 -10.66
CA GLY A 158 -28.05 -2.13 -11.40
C GLY A 158 -26.86 -1.77 -10.54
N GLY A 159 -26.91 -2.15 -9.27
CA GLY A 159 -25.85 -1.93 -8.31
C GLY A 159 -24.74 -2.96 -8.48
N PHE A 160 -23.49 -2.57 -8.16
CA PHE A 160 -22.34 -3.46 -8.29
C PHE A 160 -21.80 -3.86 -6.92
N CYS A 161 -21.22 -5.06 -6.83
CA CYS A 161 -20.63 -5.50 -5.57
C CYS A 161 -19.16 -5.11 -5.53
N ASN A 162 -18.75 -4.46 -4.43
CA ASN A 162 -17.37 -4.05 -4.21
C ASN A 162 -16.59 -5.15 -3.45
N GLU A 163 -15.26 -5.00 -3.39
CA GLU A 163 -14.39 -5.98 -2.75
C GLU A 163 -14.44 -6.10 -1.20
N ARG A 164 -15.26 -5.28 -0.53
CA ARG A 164 -15.50 -5.36 0.93
C ARG A 164 -16.89 -6.00 1.19
N ARG A 165 -17.47 -6.67 0.15
CA ARG A 165 -18.77 -7.35 0.11
C ARG A 165 -19.96 -6.46 0.49
N ILE A 166 -19.97 -5.21 -0.03
CA ILE A 166 -21.01 -4.22 0.19
C ILE A 166 -21.61 -3.84 -1.18
N CYS A 167 -22.93 -3.58 -1.22
CA CYS A 167 -23.59 -3.19 -2.47
C CYS A 167 -23.46 -1.69 -2.76
N GLU A 168 -22.93 -1.38 -3.95
CA GLU A 168 -22.70 -0.04 -4.50
C GLU A 168 -23.99 0.38 -5.21
N CYS A 169 -24.92 1.05 -4.48
CA CYS A 169 -26.27 1.39 -4.92
C CYS A 169 -26.52 2.72 -5.65
N PRO A 170 -27.27 2.72 -6.80
CA PRO A 170 -27.54 3.99 -7.52
C PRO A 170 -28.63 4.92 -6.93
N ASP A 171 -29.15 5.88 -7.77
CA ASP A 171 -30.15 6.92 -7.51
C ASP A 171 -31.35 6.57 -6.63
N GLY A 172 -31.39 7.12 -5.43
CA GLY A 172 -32.47 6.89 -4.48
C GLY A 172 -32.67 5.42 -4.18
N PHE A 173 -31.56 4.68 -4.07
CA PHE A 173 -31.54 3.25 -3.77
C PHE A 173 -30.48 2.96 -2.71
N HIS A 174 -30.92 2.32 -1.62
CA HIS A 174 -30.07 1.97 -0.48
C HIS A 174 -30.43 0.56 0.02
N GLY A 175 -29.82 0.15 1.13
CA GLY A 175 -30.06 -1.16 1.72
C GLY A 175 -28.98 -2.17 1.39
N PRO A 176 -29.12 -3.43 1.91
CA PRO A 176 -28.09 -4.44 1.65
C PRO A 176 -27.98 -4.94 0.21
N HIS A 177 -29.04 -4.82 -0.61
CA HIS A 177 -29.05 -5.30 -1.99
C HIS A 177 -29.62 -4.28 -3.00
N CYS A 178 -29.64 -2.97 -2.60
CA CYS A 178 -30.16 -1.83 -3.37
C CYS A 178 -31.66 -2.00 -3.65
N GLU A 179 -32.47 -2.00 -2.58
CA GLU A 179 -33.91 -2.18 -2.70
C GLU A 179 -34.73 -0.95 -2.29
N GLY A 180 -34.43 -0.40 -1.12
CA GLY A 180 -35.09 0.78 -0.54
C GLY A 180 -34.95 2.06 -1.36
N THR A 181 -35.75 3.09 -1.02
CA THR A 181 -35.73 4.39 -1.70
C THR A 181 -35.47 5.56 -0.75
#